data_6SYH
#
_entry.id   6SYH
#
_cell.length_a   60.619
_cell.length_b   79.959
_cell.length_c   108.469
_cell.angle_alpha   90.000
_cell.angle_beta   90.000
_cell.angle_gamma   90.000
#
_symmetry.space_group_name_H-M   'P 2 21 21'
#
loop_
_entity.id
_entity.type
_entity.pdbx_description
1 polymer L-asparaginase
2 water water
#
_entity_poly.entity_id   1
_entity_poly.type   'polypeptide(L)'
_entity_poly.pdbx_seq_one_letter_code
;KPQVTILATGGTIAGSGESSKTSSYSAGAVTVDKLLAAVPAINDLATIKGEQISSIGSQEMTGKVWLKLAKRVNELLAQK
ETEAVIITHGTDTMEETAFFLNLTVKSQKPVVLVGAMRPGSSMSADGPMNLYNAVNVAINKASTNKGVVIVMNDEIHAAR
EATKLNTTAVNAFASPNTGKIGTVYYGKVEYFTQSVRPHTLASEFDISKIEELPRVDILYAHPDDTDVLVNAALQAGAKG
IIHAGMGNGNPFPLTQNALEKAAKSGVVVARSSRVGSGSTTQEAEVDDKKLGFVATESLNPQKARVLLMLALTKTSDREA
IQKIFSTY
;
_entity_poly.pdbx_strand_id   A,B
#
# COMPACT_ATOMS: atom_id res chain seq x y z
N LYS A 1 -5.87 -7.50 -42.12
CA LYS A 1 -5.25 -7.18 -40.79
C LYS A 1 -5.96 -5.97 -40.20
N PRO A 2 -6.57 -6.06 -39.00
CA PRO A 2 -7.30 -4.91 -38.47
C PRO A 2 -6.43 -3.69 -38.14
N GLN A 3 -7.04 -2.50 -38.17
CA GLN A 3 -6.32 -1.22 -37.93
C GLN A 3 -6.28 -1.01 -36.42
N VAL A 4 -5.08 -0.93 -35.89
CA VAL A 4 -4.86 -0.68 -34.44
C VAL A 4 -3.95 0.52 -34.35
N THR A 5 -4.24 1.44 -33.45
CA THR A 5 -3.31 2.57 -33.20
C THR A 5 -2.55 2.28 -31.92
N ILE A 6 -1.24 2.42 -31.98
CA ILE A 6 -0.40 2.42 -30.75
C ILE A 6 -0.09 3.86 -30.38
N LEU A 7 -0.49 4.25 -29.17
CA LEU A 7 -0.19 5.58 -28.60
C LEU A 7 0.90 5.40 -27.57
N ALA A 8 2.04 6.02 -27.78
CA ALA A 8 3.17 6.01 -26.83
C ALA A 8 3.02 7.22 -25.88
N THR A 9 3.22 6.97 -24.60
CA THR A 9 3.26 8.04 -23.57
C THR A 9 4.68 8.27 -23.04
N GLY A 10 5.60 7.41 -23.42
CA GLY A 10 7.00 7.52 -22.97
C GLY A 10 7.93 7.05 -24.08
N GLY A 11 8.94 6.28 -23.73
CA GLY A 11 9.88 5.82 -24.73
C GLY A 11 9.46 4.47 -25.26
N THR A 12 10.43 3.76 -25.77
CA THR A 12 10.28 2.44 -26.40
C THR A 12 10.25 1.40 -25.26
N ILE A 13 9.21 0.56 -25.15
CA ILE A 13 9.14 -0.49 -24.08
C ILE A 13 9.80 -1.79 -24.54
N ALA A 14 10.12 -1.92 -25.83
CA ALA A 14 10.71 -3.14 -26.41
C ALA A 14 11.85 -2.70 -27.32
N GLY A 15 12.94 -3.44 -27.28
CA GLY A 15 14.15 -3.07 -28.02
C GLY A 15 15.11 -2.18 -27.21
N SER A 26 7.07 6.10 -42.20
CA SER A 26 6.81 6.02 -40.72
C SER A 26 5.36 5.59 -40.46
N ALA A 27 5.14 4.79 -39.42
CA ALA A 27 3.80 4.38 -38.93
C ALA A 27 3.09 5.59 -38.30
N GLY A 28 3.78 6.70 -38.06
CA GLY A 28 3.18 7.95 -37.54
C GLY A 28 3.89 8.46 -36.29
N ALA A 29 4.60 7.60 -35.59
CA ALA A 29 5.48 7.98 -34.47
C ALA A 29 6.76 7.15 -34.53
N VAL A 30 7.90 7.81 -34.35
CA VAL A 30 9.26 7.18 -34.34
C VAL A 30 9.30 6.08 -33.27
N THR A 31 8.75 6.32 -32.09
CA THR A 31 8.71 5.31 -31.00
C THR A 31 8.07 4.02 -31.53
N VAL A 32 6.96 4.16 -32.25
CA VAL A 32 6.17 2.99 -32.74
C VAL A 32 6.93 2.32 -33.90
N ASP A 33 7.60 3.10 -34.75
CA ASP A 33 8.48 2.51 -35.79
C ASP A 33 9.53 1.65 -35.08
N LYS A 34 10.05 2.11 -33.96
CA LYS A 34 11.11 1.34 -33.23
C LYS A 34 10.51 0.04 -32.66
N LEU A 35 9.29 0.09 -32.16
CA LEU A 35 8.60 -1.11 -31.61
C LEU A 35 8.38 -2.12 -32.74
N LEU A 36 7.99 -1.65 -33.91
CA LEU A 36 7.75 -2.58 -35.05
C LEU A 36 9.08 -3.21 -35.49
N ALA A 37 10.17 -2.47 -35.44
CA ALA A 37 11.51 -3.01 -35.79
C ALA A 37 11.92 -4.05 -34.77
N ALA A 38 11.59 -3.86 -33.48
CA ALA A 38 11.96 -4.76 -32.37
C ALA A 38 11.12 -6.05 -32.38
N VAL A 39 9.87 -5.95 -32.76
CA VAL A 39 8.89 -7.07 -32.70
C VAL A 39 8.20 -7.15 -34.05
N PRO A 40 8.92 -7.49 -35.13
CA PRO A 40 8.37 -7.35 -36.47
C PRO A 40 7.18 -8.28 -36.69
N ALA A 41 7.02 -9.30 -35.85
CA ALA A 41 5.86 -10.22 -35.96
C ALA A 41 4.55 -9.45 -35.77
N ILE A 42 4.56 -8.29 -35.10
CA ILE A 42 3.24 -7.61 -34.85
C ILE A 42 2.69 -7.10 -36.18
N ASN A 43 3.57 -6.86 -37.16
CA ASN A 43 3.17 -6.40 -38.51
C ASN A 43 2.29 -7.42 -39.22
N ASP A 44 2.37 -8.70 -38.86
CA ASP A 44 1.54 -9.75 -39.51
C ASP A 44 0.16 -9.79 -38.84
N LEU A 45 -0.01 -9.13 -37.70
CA LEU A 45 -1.23 -9.28 -36.89
C LEU A 45 -2.17 -8.13 -37.15
N ALA A 46 -1.66 -6.96 -37.46
CA ALA A 46 -2.49 -5.74 -37.50
C ALA A 46 -1.88 -4.70 -38.42
N THR A 47 -2.71 -3.80 -38.94
CA THR A 47 -2.23 -2.55 -39.58
C THR A 47 -2.03 -1.54 -38.45
N ILE A 48 -0.78 -1.21 -38.18
CA ILE A 48 -0.34 -0.39 -37.01
C ILE A 48 -0.14 1.06 -37.42
N LYS A 49 -0.90 1.97 -36.79
CA LYS A 49 -0.65 3.42 -36.83
C LYS A 49 -0.06 3.80 -35.49
N GLY A 50 0.86 4.75 -35.50
CA GLY A 50 1.49 5.24 -34.27
C GLY A 50 1.20 6.69 -33.97
N GLU A 51 1.13 7.04 -32.67
CA GLU A 51 1.00 8.44 -32.20
C GLU A 51 1.81 8.56 -30.93
N GLN A 52 2.36 9.74 -30.69
CA GLN A 52 3.12 10.02 -29.44
C GLN A 52 2.33 11.06 -28.68
N ILE A 53 1.72 10.69 -27.57
CA ILE A 53 0.82 11.59 -26.79
C ILE A 53 1.65 12.43 -25.84
N SER A 54 2.65 11.80 -25.23
CA SER A 54 3.55 12.39 -24.24
C SER A 54 4.86 11.62 -24.33
N SER A 55 5.92 12.13 -23.69
CA SER A 55 7.27 11.51 -23.70
C SER A 55 7.88 11.60 -22.32
N ILE A 56 7.24 10.94 -21.37
CA ILE A 56 7.62 11.05 -19.93
C ILE A 56 7.60 9.68 -19.29
N GLY A 57 8.40 9.54 -18.25
CA GLY A 57 8.24 8.42 -17.32
C GLY A 57 6.87 8.55 -16.65
N SER A 58 6.28 7.43 -16.25
CA SER A 58 4.89 7.48 -15.74
C SER A 58 4.81 8.12 -14.36
N GLN A 59 5.93 8.22 -13.64
CA GLN A 59 6.01 8.95 -12.36
C GLN A 59 5.87 10.46 -12.59
N GLU A 60 5.93 10.92 -13.83
CA GLU A 60 5.79 12.36 -14.17
C GLU A 60 4.41 12.64 -14.76
N MET A 61 3.53 11.67 -14.79
CA MET A 61 2.20 11.88 -15.36
C MET A 61 1.46 13.01 -14.62
N THR A 62 0.57 13.66 -15.38
CA THR A 62 -0.25 14.80 -14.90
C THR A 62 -1.68 14.63 -15.39
N GLY A 63 -2.61 15.33 -14.76
CA GLY A 63 -3.99 15.36 -15.27
C GLY A 63 -4.06 15.92 -16.68
N LYS A 64 -3.19 16.84 -17.03
CA LYS A 64 -3.17 17.45 -18.38
C LYS A 64 -2.93 16.33 -19.41
N VAL A 65 -1.96 15.47 -19.16
CA VAL A 65 -1.68 14.33 -20.08
C VAL A 65 -2.87 13.36 -20.06
N TRP A 66 -3.40 13.03 -18.89
CA TRP A 66 -4.57 12.12 -18.83
C TRP A 66 -5.68 12.67 -19.74
N LEU A 67 -5.96 13.95 -19.64
CA LEU A 67 -7.06 14.56 -20.46
C LEU A 67 -6.70 14.42 -21.95
N LYS A 68 -5.47 14.72 -22.36
CA LYS A 68 -5.07 14.67 -23.78
C LYS A 68 -5.22 13.24 -24.29
N LEU A 69 -4.81 12.28 -23.49
CA LEU A 69 -4.82 10.86 -23.89
C LEU A 69 -6.27 10.40 -23.99
N ALA A 70 -7.09 10.70 -23.00
CA ALA A 70 -8.50 10.24 -23.02
C ALA A 70 -9.23 10.85 -24.20
N LYS A 71 -9.02 12.14 -24.47
CA LYS A 71 -9.68 12.77 -25.64
C LYS A 71 -9.24 12.06 -26.92
N ARG A 72 -7.96 11.76 -27.08
CA ARG A 72 -7.48 11.15 -28.34
C ARG A 72 -8.02 9.73 -28.48
N VAL A 73 -8.02 8.96 -27.40
CA VAL A 73 -8.54 7.57 -27.46
C VAL A 73 -10.00 7.68 -27.89
N ASN A 74 -10.77 8.61 -27.31
CA ASN A 74 -12.22 8.74 -27.64
C ASN A 74 -12.37 9.06 -29.13
N GLU A 75 -11.53 9.96 -29.64
CA GLU A 75 -11.57 10.37 -31.07
C GLU A 75 -11.24 9.18 -31.96
N LEU A 76 -10.21 8.40 -31.64
CA LEU A 76 -9.83 7.25 -32.50
C LEU A 76 -10.97 6.23 -32.49
N LEU A 77 -11.47 5.86 -31.31
CA LEU A 77 -12.36 4.71 -31.21
C LEU A 77 -13.72 5.10 -31.78
N ALA A 78 -14.04 6.39 -31.86
CA ALA A 78 -15.37 6.82 -32.38
C ALA A 78 -15.43 6.58 -33.88
N GLN A 79 -14.30 6.29 -34.53
CA GLN A 79 -14.28 6.10 -36.00
C GLN A 79 -14.35 4.63 -36.34
N LYS A 80 -15.08 4.28 -37.39
CA LYS A 80 -15.33 2.88 -37.79
C LYS A 80 -13.98 2.23 -38.16
N GLU A 81 -13.00 2.99 -38.67
CA GLU A 81 -11.75 2.38 -39.24
C GLU A 81 -10.83 1.87 -38.12
N THR A 82 -10.90 2.43 -36.91
CA THR A 82 -10.03 2.04 -35.76
C THR A 82 -10.65 0.86 -34.98
N GLU A 83 -9.97 -0.30 -34.91
CA GLU A 83 -10.53 -1.48 -34.19
C GLU A 83 -10.22 -1.41 -32.71
N ALA A 84 -9.06 -0.90 -32.36
CA ALA A 84 -8.56 -0.93 -30.97
C ALA A 84 -7.44 0.06 -30.82
N VAL A 85 -7.15 0.38 -29.57
CA VAL A 85 -5.94 1.17 -29.24
C VAL A 85 -5.11 0.40 -28.23
N ILE A 86 -3.80 0.49 -28.44
CA ILE A 86 -2.77 0.02 -27.44
C ILE A 86 -2.03 1.25 -26.95
N ILE A 87 -1.79 1.35 -25.65
CA ILE A 87 -1.08 2.52 -25.06
C ILE A 87 0.15 1.96 -24.37
N THR A 88 1.31 2.35 -24.85
CA THR A 88 2.57 1.96 -24.14
C THR A 88 2.78 2.99 -23.05
N HIS A 89 3.12 2.52 -21.86
CA HIS A 89 3.07 3.37 -20.64
C HIS A 89 4.05 2.83 -19.63
N GLY A 90 4.60 3.74 -18.87
CA GLY A 90 5.42 3.36 -17.74
C GLY A 90 4.61 2.58 -16.72
N THR A 91 5.26 1.67 -15.99
CA THR A 91 4.52 0.78 -15.08
C THR A 91 4.07 1.52 -13.81
N ASP A 92 4.82 2.50 -13.33
CA ASP A 92 4.60 3.04 -11.95
C ASP A 92 3.15 3.53 -11.78
N THR A 93 2.56 4.19 -12.79
CA THR A 93 1.22 4.82 -12.67
C THR A 93 0.30 4.33 -13.77
N MET A 94 0.66 3.24 -14.43
CA MET A 94 -0.21 2.61 -15.46
C MET A 94 -1.61 2.36 -14.87
N GLU A 95 -1.71 2.01 -13.61
CA GLU A 95 -3.02 1.66 -12.98
C GLU A 95 -3.90 2.91 -12.94
N GLU A 96 -3.33 4.10 -12.69
CA GLU A 96 -4.11 5.35 -12.57
C GLU A 96 -4.60 5.74 -13.95
N THR A 97 -3.71 5.68 -14.92
CA THR A 97 -4.13 6.06 -16.28
C THR A 97 -5.21 5.09 -16.76
N ALA A 98 -5.02 3.81 -16.57
CA ALA A 98 -5.99 2.80 -17.04
C ALA A 98 -7.34 3.07 -16.39
N PHE A 99 -7.36 3.28 -15.09
CA PHE A 99 -8.62 3.55 -14.35
C PHE A 99 -9.27 4.83 -14.89
N PHE A 100 -8.50 5.89 -15.07
CA PHE A 100 -9.05 7.15 -15.65
C PHE A 100 -9.73 6.84 -16.97
N LEU A 101 -9.02 6.20 -17.87
CA LEU A 101 -9.56 5.89 -19.22
C LEU A 101 -10.81 4.98 -19.05
N ASN A 102 -10.80 4.03 -18.11
CA ASN A 102 -11.94 3.13 -17.93
C ASN A 102 -13.21 3.94 -17.68
N LEU A 103 -13.07 5.11 -17.07
CA LEU A 103 -14.25 5.91 -16.65
C LEU A 103 -14.55 7.02 -17.67
N THR A 104 -13.71 7.22 -18.66
CA THR A 104 -13.84 8.40 -19.57
C THR A 104 -13.89 8.01 -21.04
N VAL A 105 -13.54 6.78 -21.40
CA VAL A 105 -13.55 6.34 -22.84
C VAL A 105 -14.95 5.82 -23.16
N LYS A 106 -15.61 6.43 -24.15
CA LYS A 106 -17.04 6.14 -24.47
C LYS A 106 -17.09 5.20 -25.66
N SER A 107 -16.54 3.99 -25.48
CA SER A 107 -16.45 2.99 -26.55
C SER A 107 -16.36 1.63 -25.90
N GLN A 108 -16.83 0.61 -26.59
CA GLN A 108 -16.65 -0.79 -26.16
C GLN A 108 -15.43 -1.39 -26.84
N LYS A 109 -14.74 -0.67 -27.71
CA LYS A 109 -13.57 -1.23 -28.43
C LYS A 109 -12.44 -1.38 -27.44
N PRO A 110 -11.52 -2.35 -27.70
CA PRO A 110 -10.42 -2.60 -26.77
C PRO A 110 -9.50 -1.40 -26.61
N VAL A 111 -9.08 -1.21 -25.36
CA VAL A 111 -8.07 -0.20 -24.95
C VAL A 111 -7.10 -0.94 -24.04
N VAL A 112 -5.92 -1.19 -24.55
CA VAL A 112 -4.93 -2.05 -23.90
C VAL A 112 -3.76 -1.20 -23.48
N LEU A 113 -3.46 -1.20 -22.20
CA LEU A 113 -2.24 -0.57 -21.67
C LEU A 113 -1.19 -1.66 -21.46
N VAL A 114 0.03 -1.34 -21.83
CA VAL A 114 1.15 -2.30 -21.74
C VAL A 114 2.43 -1.54 -21.45
N GLY A 115 3.34 -2.20 -20.71
CA GLY A 115 4.62 -1.64 -20.30
C GLY A 115 5.65 -2.73 -20.16
N ALA A 116 6.76 -2.41 -19.51
CA ALA A 116 7.88 -3.35 -19.29
C ALA A 116 8.46 -3.05 -17.92
N MET A 117 8.59 -4.07 -17.12
CA MET A 117 9.27 -3.94 -15.80
C MET A 117 10.79 -3.88 -15.96
N ARG A 118 11.32 -4.36 -17.08
CA ARG A 118 12.76 -4.31 -17.33
C ARG A 118 12.97 -3.49 -18.59
N PRO A 119 13.99 -2.61 -18.63
CA PRO A 119 14.29 -1.87 -19.84
C PRO A 119 14.62 -2.78 -21.04
N GLY A 120 14.36 -2.27 -22.25
CA GLY A 120 14.42 -3.11 -23.44
C GLY A 120 15.85 -3.55 -23.71
N SER A 121 16.84 -2.87 -23.15
CA SER A 121 18.29 -3.20 -23.24
C SER A 121 18.69 -4.35 -22.29
N SER A 122 17.86 -4.65 -21.30
CA SER A 122 18.12 -5.65 -20.24
C SER A 122 18.23 -7.06 -20.83
N MET A 123 19.04 -7.93 -20.20
CA MET A 123 18.87 -9.39 -20.29
C MET A 123 17.39 -9.72 -20.02
N SER A 124 16.78 -10.60 -20.80
CA SER A 124 15.44 -11.12 -20.46
C SER A 124 14.41 -9.98 -20.34
N ALA A 125 14.49 -8.98 -21.22
CA ALA A 125 13.53 -7.86 -21.27
C ALA A 125 12.11 -8.37 -21.47
N ASP A 126 11.15 -7.86 -20.70
CA ASP A 126 9.76 -8.36 -20.79
C ASP A 126 8.97 -7.58 -21.85
N GLY A 127 9.47 -6.46 -22.32
CA GLY A 127 8.72 -5.59 -23.25
C GLY A 127 8.29 -6.30 -24.54
N PRO A 128 9.17 -7.04 -25.22
CA PRO A 128 8.80 -7.65 -26.48
C PRO A 128 7.57 -8.58 -26.36
N MET A 129 7.62 -9.53 -25.45
CA MET A 129 6.51 -10.49 -25.28
C MET A 129 5.28 -9.71 -24.80
N ASN A 130 5.44 -8.73 -23.92
CA ASN A 130 4.26 -7.97 -23.41
C ASN A 130 3.57 -7.25 -24.58
N LEU A 131 4.36 -6.63 -25.45
CA LEU A 131 3.78 -5.86 -26.58
C LEU A 131 3.12 -6.82 -27.57
N TYR A 132 3.81 -7.90 -27.90
CA TYR A 132 3.29 -8.95 -28.81
C TYR A 132 1.92 -9.41 -28.28
N ASN A 133 1.89 -9.75 -27.00
CA ASN A 133 0.63 -10.19 -26.36
C ASN A 133 -0.43 -9.08 -26.40
N ALA A 134 -0.07 -7.83 -26.11
CA ALA A 134 -1.01 -6.70 -26.14
C ALA A 134 -1.67 -6.53 -27.51
N VAL A 135 -0.91 -6.71 -28.58
CA VAL A 135 -1.49 -6.60 -29.94
C VAL A 135 -2.50 -7.72 -30.13
N ASN A 136 -2.15 -8.94 -29.74
CA ASN A 136 -3.11 -10.07 -29.84
C ASN A 136 -4.37 -9.80 -29.01
N VAL A 137 -4.25 -9.22 -27.82
CA VAL A 137 -5.45 -8.90 -27.00
C VAL A 137 -6.26 -7.84 -27.74
N ALA A 138 -5.61 -6.79 -28.25
CA ALA A 138 -6.33 -5.69 -28.92
C ALA A 138 -7.21 -6.18 -30.08
N ILE A 139 -6.76 -7.15 -30.84
CA ILE A 139 -7.46 -7.58 -32.08
C ILE A 139 -8.38 -8.76 -31.80
N ASN A 140 -8.36 -9.34 -30.61
CA ASN A 140 -9.21 -10.52 -30.29
C ASN A 140 -10.69 -10.12 -30.21
N LYS A 141 -11.57 -10.94 -30.80
CA LYS A 141 -13.01 -10.61 -30.78
C LYS A 141 -13.57 -10.59 -29.35
N ALA A 142 -13.03 -11.35 -28.41
CA ALA A 142 -13.57 -11.41 -27.04
C ALA A 142 -13.14 -10.18 -26.22
N SER A 143 -12.25 -9.34 -26.74
CA SER A 143 -11.72 -8.19 -25.97
C SER A 143 -12.73 -7.04 -25.92
N THR A 144 -13.73 -7.08 -26.80
CA THR A 144 -14.79 -6.04 -26.84
C THR A 144 -15.60 -6.03 -25.54
N ASN A 145 -16.00 -4.83 -25.10
CA ASN A 145 -16.85 -4.56 -23.92
C ASN A 145 -16.28 -5.18 -22.65
N LYS A 146 -14.96 -5.21 -22.54
CA LYS A 146 -14.27 -5.62 -21.30
C LYS A 146 -13.84 -4.42 -20.46
N GLY A 147 -14.02 -3.21 -20.94
CA GLY A 147 -13.41 -2.04 -20.31
C GLY A 147 -11.93 -1.98 -20.62
N VAL A 148 -11.28 -0.95 -20.12
CA VAL A 148 -9.84 -0.77 -20.33
C VAL A 148 -9.11 -1.91 -19.60
N VAL A 149 -8.08 -2.46 -20.22
CA VAL A 149 -7.30 -3.55 -19.57
C VAL A 149 -5.81 -3.21 -19.59
N ILE A 150 -5.11 -3.84 -18.67
CA ILE A 150 -3.64 -3.87 -18.61
C ILE A 150 -3.21 -5.28 -18.97
N VAL A 151 -2.33 -5.37 -19.95
CA VAL A 151 -1.73 -6.67 -20.34
C VAL A 151 -0.28 -6.66 -19.93
N MET A 152 0.06 -7.53 -18.98
CA MET A 152 1.43 -7.65 -18.45
C MET A 152 1.67 -9.13 -18.11
N ASN A 153 2.84 -9.66 -18.43
CA ASN A 153 3.27 -10.96 -17.88
C ASN A 153 2.21 -12.04 -18.19
N ASP A 154 1.70 -12.03 -19.43
CA ASP A 154 0.80 -13.09 -19.96
C ASP A 154 -0.58 -13.01 -19.31
N GLU A 155 -0.89 -11.89 -18.67
CA GLU A 155 -2.16 -11.70 -17.92
C GLU A 155 -2.93 -10.48 -18.41
N ILE A 156 -4.26 -10.59 -18.38
CA ILE A 156 -5.16 -9.46 -18.74
C ILE A 156 -5.84 -9.04 -17.44
N HIS A 157 -5.61 -7.81 -17.00
CA HIS A 157 -6.23 -7.26 -15.78
C HIS A 157 -7.25 -6.21 -16.16
N ALA A 158 -8.40 -6.24 -15.48
CA ALA A 158 -9.41 -5.17 -15.58
C ALA A 158 -8.84 -3.88 -14.95
N ALA A 159 -8.98 -2.72 -15.59
CA ALA A 159 -8.46 -1.44 -15.05
C ALA A 159 -9.02 -1.17 -13.65
N ARG A 160 -10.27 -1.51 -13.34
CA ARG A 160 -10.76 -1.20 -11.98
C ARG A 160 -9.92 -1.88 -10.91
N GLU A 161 -9.43 -3.07 -11.23
CA GLU A 161 -8.92 -4.03 -10.23
C GLU A 161 -7.41 -4.04 -10.20
N ALA A 162 -6.76 -3.56 -11.25
CA ALA A 162 -5.32 -3.74 -11.45
C ALA A 162 -4.55 -2.79 -10.54
N THR A 163 -3.37 -3.24 -10.11
CA THR A 163 -2.39 -2.42 -9.38
C THR A 163 -0.99 -3.00 -9.56
N LYS A 164 -0.02 -2.11 -9.55
CA LYS A 164 1.37 -2.53 -9.40
C LYS A 164 1.61 -2.82 -7.91
N LEU A 165 1.84 -4.09 -7.56
CA LEU A 165 1.95 -4.59 -6.18
C LEU A 165 3.40 -4.85 -5.75
N ASN A 166 4.36 -4.76 -6.67
CA ASN A 166 5.79 -5.04 -6.38
C ASN A 166 6.67 -4.01 -7.07
N THR A 167 7.81 -3.69 -6.47
CA THR A 167 8.70 -2.65 -6.99
C THR A 167 9.40 -3.07 -8.27
N THR A 168 9.74 -4.35 -8.43
CA THR A 168 10.74 -4.77 -9.46
C THR A 168 10.32 -5.95 -10.32
N ALA A 169 9.44 -6.81 -9.82
CA ALA A 169 9.17 -8.13 -10.41
C ALA A 169 8.52 -7.98 -11.80
N VAL A 170 8.81 -8.87 -12.74
CA VAL A 170 8.10 -8.82 -14.06
C VAL A 170 6.63 -9.12 -13.81
N ASN A 171 6.31 -9.87 -12.75
CA ASN A 171 4.93 -10.21 -12.32
C ASN A 171 4.41 -9.18 -11.31
N ALA A 172 4.87 -7.94 -11.36
CA ALA A 172 4.46 -6.92 -10.39
C ALA A 172 2.96 -6.63 -10.45
N PHE A 173 2.32 -6.75 -11.60
CA PHE A 173 0.88 -6.35 -11.67
C PHE A 173 0.03 -7.48 -11.08
N ALA A 174 -1.01 -7.09 -10.41
CA ALA A 174 -1.96 -7.99 -9.77
C ALA A 174 -3.32 -7.31 -9.74
N SER A 175 -4.33 -8.08 -9.44
CA SER A 175 -5.69 -7.55 -9.15
C SER A 175 -6.09 -8.12 -7.80
N PRO A 176 -5.66 -7.50 -6.69
CA PRO A 176 -5.72 -8.19 -5.41
C PRO A 176 -7.10 -8.53 -4.89
N ASN A 177 -8.12 -7.82 -5.35
CA ASN A 177 -9.49 -8.06 -4.86
C ASN A 177 -10.25 -9.04 -5.77
N THR A 178 -9.77 -9.34 -7.00
N THR A 178 -9.78 -9.25 -6.97
CA THR A 178 -10.56 -10.08 -8.04
CA THR A 178 -10.29 -10.34 -7.82
C THR A 178 -9.76 -11.07 -8.91
C THR A 178 -9.07 -11.15 -8.20
N GLY A 179 -8.53 -10.76 -9.30
CA GLY A 179 -7.64 -11.64 -10.05
C GLY A 179 -7.68 -11.17 -11.48
N LYS A 180 -6.79 -11.65 -12.30
CA LYS A 180 -6.82 -11.33 -13.74
C LYS A 180 -8.17 -11.75 -14.32
N ILE A 181 -8.58 -11.07 -15.38
CA ILE A 181 -9.82 -11.47 -16.09
C ILE A 181 -9.52 -12.43 -17.23
N GLY A 182 -8.27 -12.54 -17.64
CA GLY A 182 -7.90 -13.42 -18.73
C GLY A 182 -6.41 -13.63 -18.83
N THR A 183 -6.04 -14.35 -19.86
CA THR A 183 -4.64 -14.73 -20.13
C THR A 183 -4.34 -14.48 -21.60
N VAL A 184 -3.07 -14.32 -21.87
CA VAL A 184 -2.56 -14.26 -23.24
C VAL A 184 -1.17 -14.91 -23.18
N TYR A 185 -1.02 -16.00 -23.91
CA TYR A 185 0.17 -16.85 -23.87
C TYR A 185 0.66 -17.05 -25.28
N TYR A 186 1.81 -16.47 -25.61
CA TYR A 186 2.31 -16.44 -27.01
C TYR A 186 1.20 -16.01 -27.97
N GLY A 187 0.40 -15.02 -27.59
CA GLY A 187 -0.61 -14.41 -28.47
C GLY A 187 -1.96 -15.12 -28.37
N LYS A 188 -2.08 -16.26 -27.69
CA LYS A 188 -3.36 -16.99 -27.56
C LYS A 188 -4.16 -16.37 -26.39
N VAL A 189 -5.29 -15.76 -26.70
CA VAL A 189 -6.07 -14.93 -25.75
C VAL A 189 -7.26 -15.75 -25.22
N GLU A 190 -7.46 -15.75 -23.91
CA GLU A 190 -8.59 -16.40 -23.24
C GLU A 190 -9.09 -15.48 -22.17
N TYR A 191 -10.38 -15.21 -22.17
CA TYR A 191 -11.03 -14.52 -21.04
C TYR A 191 -11.79 -15.54 -20.20
N PHE A 192 -11.72 -15.33 -18.90
CA PHE A 192 -12.45 -16.18 -17.93
C PHE A 192 -13.49 -15.38 -17.15
N THR A 193 -13.28 -14.07 -16.95
CA THR A 193 -14.24 -13.22 -16.22
C THR A 193 -14.35 -11.86 -16.91
N GLN A 194 -15.32 -11.09 -16.50
CA GLN A 194 -15.36 -9.66 -16.83
C GLN A 194 -15.86 -8.89 -15.62
N SER A 195 -15.52 -7.61 -15.57
CA SER A 195 -16.04 -6.73 -14.51
C SER A 195 -17.57 -6.62 -14.65
N VAL A 196 -18.22 -6.50 -13.52
CA VAL A 196 -19.67 -6.17 -13.49
C VAL A 196 -19.85 -4.75 -12.92
N ARG A 197 -18.75 -4.01 -12.73
CA ARG A 197 -18.85 -2.60 -12.30
C ARG A 197 -18.86 -1.77 -13.57
N PRO A 198 -19.73 -0.76 -13.63
CA PRO A 198 -19.88 0.01 -14.86
C PRO A 198 -18.54 0.64 -15.26
N HIS A 199 -18.34 0.67 -16.57
CA HIS A 199 -17.13 1.24 -17.18
C HIS A 199 -17.50 1.82 -18.54
N THR A 200 -16.59 2.57 -19.10
CA THR A 200 -16.57 3.03 -20.52
C THR A 200 -17.94 3.58 -20.91
N LEU A 201 -18.66 2.93 -21.83
CA LEU A 201 -19.96 3.46 -22.32
C LEU A 201 -20.92 3.74 -21.18
N ALA A 202 -20.86 2.94 -20.12
CA ALA A 202 -21.80 3.00 -18.99
C ALA A 202 -21.32 4.02 -17.95
N SER A 203 -20.19 4.69 -18.17
CA SER A 203 -19.69 5.70 -17.20
C SER A 203 -20.45 7.02 -17.42
N GLU A 204 -20.84 7.67 -16.32
CA GLU A 204 -21.56 8.97 -16.40
C GLU A 204 -20.58 10.10 -16.73
N PHE A 205 -19.28 9.90 -16.60
CA PHE A 205 -18.33 11.04 -16.65
C PHE A 205 -18.04 11.42 -18.11
N ASP A 206 -17.95 12.71 -18.36
CA ASP A 206 -17.65 13.26 -19.71
C ASP A 206 -16.53 14.29 -19.57
N ILE A 207 -15.32 14.01 -20.06
CA ILE A 207 -14.20 14.97 -19.88
C ILE A 207 -13.97 15.76 -21.17
N SER A 208 -14.85 15.67 -22.18
CA SER A 208 -14.59 16.21 -23.54
C SER A 208 -14.29 17.72 -23.44
N LYS A 209 -14.93 18.44 -22.52
CA LYS A 209 -14.76 19.91 -22.42
C LYS A 209 -13.79 20.30 -21.31
N ILE A 210 -13.37 19.38 -20.45
CA ILE A 210 -12.58 19.71 -19.23
C ILE A 210 -11.13 19.94 -19.62
N GLU A 211 -10.52 21.02 -19.14
CA GLU A 211 -9.11 21.34 -19.47
C GLU A 211 -8.23 21.15 -18.23
N GLU A 212 -8.82 21.09 -17.03
CA GLU A 212 -8.05 20.92 -15.77
C GLU A 212 -8.90 20.11 -14.81
N LEU A 213 -8.29 19.15 -14.16
CA LEU A 213 -8.98 18.28 -13.20
C LEU A 213 -8.87 18.87 -11.80
N PRO A 214 -9.85 18.58 -10.94
CA PRO A 214 -9.80 18.99 -9.55
C PRO A 214 -8.56 18.44 -8.83
N ARG A 215 -8.03 19.23 -7.93
CA ARG A 215 -6.89 18.81 -7.13
C ARG A 215 -7.39 17.82 -6.05
N VAL A 216 -6.72 16.68 -5.93
CA VAL A 216 -7.03 15.66 -4.91
C VAL A 216 -5.69 15.17 -4.35
N ASP A 217 -5.49 15.39 -3.06
CA ASP A 217 -4.29 14.93 -2.34
C ASP A 217 -4.56 13.54 -1.75
N ILE A 218 -3.48 12.85 -1.43
CA ILE A 218 -3.49 11.54 -0.75
C ILE A 218 -2.57 11.63 0.47
N LEU A 219 -3.09 11.16 1.59
CA LEU A 219 -2.38 11.17 2.89
C LEU A 219 -2.15 9.74 3.33
N TYR A 220 -1.00 9.53 3.93
CA TYR A 220 -0.55 8.19 4.40
C TYR A 220 -0.65 8.12 5.92
N ALA A 221 -1.52 7.28 6.46
CA ALA A 221 -1.81 7.24 7.90
C ALA A 221 -0.81 6.35 8.65
N HIS A 222 -0.60 6.71 9.89
CA HIS A 222 0.30 5.96 10.80
C HIS A 222 0.01 6.37 12.25
N PRO A 223 0.48 5.58 13.23
CA PRO A 223 0.45 5.99 14.63
C PRO A 223 1.15 7.35 14.83
N ASP A 224 0.65 8.11 15.79
CA ASP A 224 1.22 9.44 16.12
C ASP A 224 1.17 10.33 14.87
N ASP A 225 0.04 10.30 14.17
CA ASP A 225 -0.16 11.11 12.96
C ASP A 225 -0.41 12.57 13.29
N THR A 226 -0.58 13.34 12.24
CA THR A 226 -0.51 14.80 12.26
C THR A 226 -1.80 15.38 11.64
N ASP A 227 -2.00 16.66 11.91
CA ASP A 227 -3.00 17.51 11.19
C ASP A 227 -2.37 18.32 10.06
N VAL A 228 -1.04 18.51 10.05
CA VAL A 228 -0.43 19.59 9.25
C VAL A 228 -0.52 19.27 7.74
N LEU A 229 -0.62 17.99 7.36
CA LEU A 229 -0.65 17.65 5.92
C LEU A 229 -2.05 17.88 5.40
N VAL A 230 -3.08 17.54 6.17
CA VAL A 230 -4.46 17.93 5.82
C VAL A 230 -4.49 19.44 5.63
N ASN A 231 -3.94 20.18 6.59
CA ASN A 231 -4.03 21.64 6.57
C ASN A 231 -3.35 22.17 5.33
N ALA A 232 -2.17 21.62 4.97
CA ALA A 232 -1.43 22.07 3.76
C ALA A 232 -2.20 21.78 2.47
N ALA A 233 -2.82 20.62 2.39
CA ALA A 233 -3.67 20.26 1.24
C ALA A 233 -4.81 21.28 1.13
N LEU A 234 -5.47 21.57 2.25
CA LEU A 234 -6.56 22.59 2.23
C LEU A 234 -6.04 23.92 1.71
N GLN A 235 -4.94 24.41 2.27
CA GLN A 235 -4.34 25.70 1.91
C GLN A 235 -3.97 25.74 0.41
N ALA A 236 -3.60 24.61 -0.17
CA ALA A 236 -3.16 24.52 -1.57
C ALA A 236 -4.37 24.42 -2.50
N GLY A 237 -5.59 24.39 -1.96
CA GLY A 237 -6.83 24.37 -2.73
C GLY A 237 -7.26 22.98 -3.13
N ALA A 238 -6.95 21.96 -2.35
CA ALA A 238 -7.50 20.62 -2.57
C ALA A 238 -9.01 20.71 -2.64
N LYS A 239 -9.59 20.08 -3.65
CA LYS A 239 -11.06 19.90 -3.68
C LYS A 239 -11.43 18.56 -3.03
N GLY A 240 -10.45 17.65 -2.92
CA GLY A 240 -10.68 16.39 -2.23
C GLY A 240 -9.40 15.89 -1.62
N ILE A 241 -9.57 14.98 -0.67
CA ILE A 241 -8.47 14.28 0.02
C ILE A 241 -8.83 12.80 0.11
N ILE A 242 -7.94 11.97 -0.39
CA ILE A 242 -7.97 10.54 -0.09
C ILE A 242 -7.11 10.27 1.15
N HIS A 243 -7.69 9.65 2.16
CA HIS A 243 -6.93 9.27 3.36
C HIS A 243 -6.63 7.76 3.27
N ALA A 244 -5.38 7.39 3.16
CA ALA A 244 -4.94 5.98 3.14
C ALA A 244 -4.81 5.51 4.58
N GLY A 245 -5.93 5.10 5.15
CA GLY A 245 -6.04 4.85 6.59
C GLY A 245 -5.43 3.54 7.05
N MET A 246 -5.36 3.43 8.37
CA MET A 246 -4.81 2.22 9.00
C MET A 246 -5.92 1.16 9.02
N GLY A 247 -5.60 -0.06 8.66
CA GLY A 247 -6.62 -1.11 8.63
C GLY A 247 -7.80 -0.70 7.77
N ASN A 248 -9.00 -0.87 8.29
CA ASN A 248 -10.24 -0.58 7.54
C ASN A 248 -10.46 0.93 7.59
N GLY A 249 -9.55 1.68 6.99
CA GLY A 249 -9.72 3.12 6.74
C GLY A 249 -9.74 3.96 7.99
N ASN A 250 -8.98 3.59 9.03
CA ASN A 250 -9.09 4.31 10.33
C ASN A 250 -8.01 5.39 10.40
N PRO A 251 -8.39 6.61 10.83
CA PRO A 251 -7.44 7.69 11.07
C PRO A 251 -6.97 7.71 12.53
N PHE A 252 -5.82 8.30 12.73
CA PHE A 252 -5.35 8.77 14.05
C PHE A 252 -6.19 9.97 14.48
N PRO A 253 -6.53 10.14 15.77
CA PRO A 253 -7.47 11.19 16.19
C PRO A 253 -7.14 12.63 15.75
N LEU A 254 -5.88 13.02 15.81
CA LEU A 254 -5.48 14.39 15.41
C LEU A 254 -5.74 14.59 13.91
N THR A 255 -5.45 13.58 13.11
CA THR A 255 -5.70 13.63 11.65
C THR A 255 -7.23 13.59 11.41
N GLN A 256 -7.96 12.80 12.17
CA GLN A 256 -9.43 12.72 12.07
C GLN A 256 -10.02 14.12 12.26
N ASN A 257 -9.60 14.85 13.29
CA ASN A 257 -10.11 16.22 13.55
C ASN A 257 -9.88 17.09 12.31
N ALA A 258 -8.70 17.00 11.71
CA ALA A 258 -8.36 17.86 10.56
C ALA A 258 -9.17 17.43 9.36
N LEU A 259 -9.34 16.13 9.14
CA LEU A 259 -10.16 15.65 8.02
C LEU A 259 -11.60 16.10 8.22
N GLU A 260 -12.12 16.02 9.43
CA GLU A 260 -13.49 16.49 9.72
C GLU A 260 -13.62 17.96 9.31
N LYS A 261 -12.67 18.79 9.70
CA LYS A 261 -12.64 20.23 9.37
C LYS A 261 -12.69 20.37 7.84
N ALA A 262 -11.88 19.59 7.11
CA ALA A 262 -11.84 19.66 5.65
C ALA A 262 -13.23 19.35 5.10
N ALA A 263 -13.77 18.21 5.47
CA ALA A 263 -15.03 17.72 4.89
C ALA A 263 -16.09 18.78 5.19
N LYS A 264 -16.07 19.32 6.41
CA LYS A 264 -17.15 20.23 6.84
C LYS A 264 -17.01 21.59 6.21
N SER A 265 -15.87 21.90 5.63
CA SER A 265 -15.62 23.13 4.90
C SER A 265 -15.97 22.94 3.41
N GLY A 266 -16.25 21.72 2.94
CA GLY A 266 -16.64 21.47 1.53
C GLY A 266 -15.53 20.84 0.69
N VAL A 267 -14.46 20.35 1.32
CA VAL A 267 -13.40 19.57 0.63
C VAL A 267 -13.75 18.11 0.89
N VAL A 268 -14.00 17.33 -0.15
CA VAL A 268 -14.51 15.95 0.02
C VAL A 268 -13.39 15.06 0.55
N VAL A 269 -13.68 14.40 1.65
CA VAL A 269 -12.74 13.44 2.29
C VAL A 269 -13.26 12.04 2.03
N ALA A 270 -12.46 11.21 1.39
CA ALA A 270 -12.80 9.83 1.04
C ALA A 270 -11.78 8.90 1.67
N ARG A 271 -12.29 8.01 2.50
CA ARG A 271 -11.45 7.07 3.26
C ARG A 271 -11.11 5.87 2.41
N SER A 272 -9.82 5.64 2.27
CA SER A 272 -9.28 4.42 1.68
C SER A 272 -8.38 3.80 2.76
N SER A 273 -7.48 2.95 2.34
CA SER A 273 -6.65 2.16 3.27
C SER A 273 -5.24 2.06 2.74
N ARG A 274 -4.28 2.00 3.66
CA ARG A 274 -2.87 1.76 3.27
C ARG A 274 -2.61 0.25 3.09
N VAL A 275 -3.54 -0.63 3.42
CA VAL A 275 -3.19 -2.08 3.61
C VAL A 275 -2.89 -2.78 2.27
N GLY A 276 -3.59 -2.46 1.18
CA GLY A 276 -3.29 -3.02 -0.16
C GLY A 276 -4.44 -3.78 -0.80
N SER A 277 -5.39 -4.27 0.00
CA SER A 277 -6.56 -5.00 -0.53
C SER A 277 -7.74 -4.89 0.42
N GLY A 278 -8.89 -5.26 -0.10
CA GLY A 278 -10.13 -5.22 0.68
C GLY A 278 -10.87 -3.91 0.52
N SER A 279 -12.05 -3.89 1.11
CA SER A 279 -12.95 -2.74 1.03
C SER A 279 -12.74 -1.84 2.25
N THR A 280 -12.65 -0.54 2.04
CA THR A 280 -12.75 0.45 3.13
C THR A 280 -14.24 0.71 3.33
N THR A 281 -14.83 0.00 4.28
CA THR A 281 -16.29 -0.19 4.29
C THR A 281 -17.03 0.95 4.96
N GLN A 282 -18.29 1.11 4.59
CA GLN A 282 -19.24 1.93 5.37
C GLN A 282 -19.60 1.23 6.71
N GLU A 283 -20.06 2.01 7.68
CA GLU A 283 -20.69 1.48 8.92
C GLU A 283 -19.69 0.55 9.64
N ALA A 284 -18.43 0.95 9.70
CA ALA A 284 -17.38 0.29 10.52
C ALA A 284 -17.07 1.20 11.71
N GLU A 285 -15.81 1.43 12.05
CA GLU A 285 -15.42 2.16 13.30
C GLU A 285 -15.61 3.68 13.07
N VAL A 286 -15.56 4.18 11.82
CA VAL A 286 -15.63 5.65 11.56
C VAL A 286 -17.10 6.05 11.35
N ASP A 287 -17.54 7.06 12.09
CA ASP A 287 -18.92 7.58 11.93
C ASP A 287 -18.88 8.53 10.73
N ASP A 288 -18.97 7.99 9.51
CA ASP A 288 -18.84 8.79 8.27
C ASP A 288 -19.93 9.87 8.19
N LYS A 289 -21.17 9.59 8.60
CA LYS A 289 -22.27 10.57 8.45
C LYS A 289 -21.99 11.75 9.39
N LYS A 290 -21.53 11.48 10.61
CA LYS A 290 -21.25 12.55 11.58
C LYS A 290 -20.07 13.38 11.11
N LEU A 291 -19.00 12.73 10.63
CA LEU A 291 -17.71 13.41 10.41
C LEU A 291 -17.74 14.02 9.00
N GLY A 292 -18.63 13.54 8.14
CA GLY A 292 -18.84 14.09 6.78
C GLY A 292 -18.01 13.39 5.71
N PHE A 293 -17.62 12.13 5.92
CA PHE A 293 -16.71 11.38 5.03
C PHE A 293 -17.47 10.46 4.06
N VAL A 294 -16.76 10.09 2.99
CA VAL A 294 -17.11 9.04 1.99
C VAL A 294 -16.22 7.82 2.29
N ALA A 295 -16.76 6.62 2.16
CA ALA A 295 -16.00 5.36 2.24
C ALA A 295 -15.71 4.91 0.81
N THR A 296 -14.46 4.66 0.46
CA THR A 296 -14.11 4.33 -0.95
C THR A 296 -14.39 2.87 -1.30
N GLU A 297 -14.65 2.01 -0.32
CA GLU A 297 -14.98 0.59 -0.55
C GLU A 297 -13.81 -0.04 -1.30
N SER A 298 -14.03 -0.86 -2.31
CA SER A 298 -13.01 -1.80 -2.81
C SER A 298 -12.18 -1.18 -3.93
N LEU A 299 -11.37 -0.18 -3.57
CA LEU A 299 -10.35 0.38 -4.47
C LEU A 299 -9.02 0.43 -3.70
N ASN A 300 -8.11 1.26 -4.10
CA ASN A 300 -6.92 1.60 -3.31
C ASN A 300 -6.79 3.12 -3.40
N PRO A 301 -5.86 3.73 -2.67
CA PRO A 301 -5.86 5.18 -2.56
C PRO A 301 -5.72 5.86 -3.92
N GLN A 302 -4.80 5.37 -4.73
CA GLN A 302 -4.46 6.08 -5.99
C GLN A 302 -5.59 5.93 -6.99
N LYS A 303 -6.30 4.82 -7.04
CA LYS A 303 -7.49 4.69 -7.93
C LYS A 303 -8.67 5.45 -7.31
N ALA A 304 -8.81 5.47 -5.98
CA ALA A 304 -9.85 6.29 -5.32
C ALA A 304 -9.63 7.77 -5.69
N ARG A 305 -8.38 8.20 -5.75
CA ARG A 305 -8.09 9.60 -6.12
C ARG A 305 -8.62 9.86 -7.52
N VAL A 306 -8.38 8.95 -8.46
CA VAL A 306 -8.88 9.16 -9.84
C VAL A 306 -10.41 9.29 -9.80
N LEU A 307 -11.09 8.36 -9.17
CA LEU A 307 -12.58 8.40 -9.16
C LEU A 307 -13.04 9.70 -8.49
N LEU A 308 -12.41 10.11 -7.39
CA LEU A 308 -12.83 11.34 -6.68
C LEU A 308 -12.61 12.56 -7.59
N MET A 309 -11.50 12.62 -8.32
CA MET A 309 -11.21 13.73 -9.24
C MET A 309 -12.34 13.81 -10.27
N LEU A 310 -12.73 12.65 -10.81
CA LEU A 310 -13.85 12.65 -11.80
C LEU A 310 -15.15 13.06 -11.11
N ALA A 311 -15.45 12.53 -9.93
CA ALA A 311 -16.67 12.91 -9.20
C ALA A 311 -16.74 14.43 -9.09
N LEU A 312 -15.63 15.03 -8.74
CA LEU A 312 -15.55 16.45 -8.36
C LEU A 312 -15.75 17.35 -9.58
N THR A 313 -15.63 16.81 -10.80
CA THR A 313 -15.89 17.59 -12.02
C THR A 313 -17.33 18.02 -11.98
N LYS A 314 -18.20 17.27 -11.34
CA LYS A 314 -19.64 17.56 -11.45
C LYS A 314 -20.36 17.72 -10.11
N THR A 315 -19.76 17.36 -8.98
CA THR A 315 -20.41 17.54 -7.66
C THR A 315 -19.37 17.48 -6.54
N SER A 316 -19.66 18.12 -5.40
N SER A 316 -19.67 18.17 -5.43
CA SER A 316 -18.95 17.89 -4.12
CA SER A 316 -18.98 18.01 -4.12
C SER A 316 -19.90 17.29 -3.08
C SER A 316 -19.93 17.39 -3.08
N ASP A 317 -21.10 16.91 -3.47
CA ASP A 317 -22.11 16.36 -2.52
C ASP A 317 -21.64 15.01 -1.97
N ARG A 318 -21.57 14.91 -0.64
CA ARG A 318 -21.12 13.68 0.06
C ARG A 318 -21.94 12.47 -0.41
N GLU A 319 -23.27 12.57 -0.37
CA GLU A 319 -24.16 11.41 -0.68
C GLU A 319 -23.99 11.01 -2.14
N ALA A 320 -23.89 11.96 -3.06
CA ALA A 320 -23.74 11.66 -4.51
C ALA A 320 -22.40 10.98 -4.72
N ILE A 321 -21.38 11.44 -4.01
CA ILE A 321 -20.02 10.87 -4.21
C ILE A 321 -19.96 9.49 -3.54
N GLN A 322 -20.64 9.30 -2.42
CA GLN A 322 -20.74 7.94 -1.83
C GLN A 322 -21.41 7.01 -2.87
N LYS A 323 -22.47 7.49 -3.54
CA LYS A 323 -23.14 6.63 -4.52
C LYS A 323 -22.16 6.29 -5.65
N ILE A 324 -21.33 7.26 -6.03
CA ILE A 324 -20.34 7.02 -7.12
C ILE A 324 -19.38 5.92 -6.66
N PHE A 325 -18.84 6.03 -5.45
CA PHE A 325 -17.90 5.00 -4.98
C PHE A 325 -18.58 3.64 -4.83
N SER A 326 -19.88 3.63 -4.52
CA SER A 326 -20.63 2.38 -4.31
C SER A 326 -21.11 1.81 -5.65
N THR A 327 -20.91 2.54 -6.75
CA THR A 327 -21.33 2.11 -8.10
C THR A 327 -20.15 1.65 -8.96
N TYR A 328 -19.08 2.45 -9.05
CA TYR A 328 -18.01 2.21 -10.03
C TYR A 328 -16.89 1.34 -9.46
N LYS B 1 3.50 -25.61 34.49
CA LYS B 1 2.84 -24.50 33.76
C LYS B 1 3.73 -23.26 33.76
N PRO B 2 4.45 -22.98 32.65
CA PRO B 2 5.30 -21.80 32.57
C PRO B 2 4.52 -20.51 32.83
N GLN B 3 5.19 -19.55 33.44
CA GLN B 3 4.63 -18.21 33.72
C GLN B 3 4.76 -17.32 32.47
N VAL B 4 3.63 -16.83 32.01
CA VAL B 4 3.55 -15.85 30.90
C VAL B 4 2.81 -14.61 31.39
N THR B 5 3.25 -13.42 30.99
CA THR B 5 2.51 -12.17 31.21
C THR B 5 1.84 -11.84 29.89
N ILE B 6 0.53 -11.60 29.97
CA ILE B 6 -0.25 -10.95 28.90
C ILE B 6 -0.38 -9.46 29.22
N LEU B 7 0.09 -8.65 28.29
CA LEU B 7 -0.05 -7.18 28.29
C LEU B 7 -1.16 -6.79 27.32
N ALA B 8 -2.26 -6.23 27.84
CA ALA B 8 -3.34 -5.69 27.00
C ALA B 8 -3.02 -4.23 26.67
N THR B 9 -3.12 -3.88 25.38
CA THR B 9 -3.01 -2.48 24.88
C THR B 9 -4.39 -1.90 24.58
N GLY B 10 -5.43 -2.72 24.67
CA GLY B 10 -6.81 -2.26 24.41
C GLY B 10 -7.83 -3.08 25.18
N GLY B 11 -8.96 -3.34 24.52
CA GLY B 11 -10.02 -4.19 25.05
C GLY B 11 -9.73 -5.68 24.88
N THR B 12 -10.73 -6.47 25.20
CA THR B 12 -10.68 -7.94 25.04
C THR B 12 -10.72 -8.25 23.55
N ILE B 13 -9.89 -9.18 23.12
CA ILE B 13 -9.96 -9.69 21.72
C ILE B 13 -10.79 -10.97 21.64
N ALA B 14 -11.31 -11.50 22.77
CA ALA B 14 -12.13 -12.74 22.87
C ALA B 14 -13.24 -12.55 23.91
N GLY B 28 -3.56 -11.01 37.12
CA GLY B 28 -4.34 -9.88 37.85
C GLY B 28 -4.55 -8.56 37.04
N ALA B 29 -5.32 -8.57 35.94
CA ALA B 29 -5.85 -7.36 35.25
C ALA B 29 -7.19 -7.74 34.63
N VAL B 30 -8.19 -6.88 34.71
CA VAL B 30 -9.61 -7.24 34.40
C VAL B 30 -9.70 -7.73 32.95
N THR B 31 -9.09 -7.02 32.02
CA THR B 31 -9.08 -7.42 30.59
C THR B 31 -8.51 -8.83 30.45
N VAL B 32 -7.42 -9.14 31.12
CA VAL B 32 -6.79 -10.47 30.97
C VAL B 32 -7.66 -11.50 31.71
N ASP B 33 -8.30 -11.16 32.84
CA ASP B 33 -9.25 -12.11 33.49
C ASP B 33 -10.36 -12.45 32.49
N LYS B 34 -10.89 -11.46 31.74
CA LYS B 34 -11.99 -11.71 30.77
C LYS B 34 -11.50 -12.62 29.65
N LEU B 35 -10.22 -12.50 29.23
CA LEU B 35 -9.62 -13.44 28.22
C LEU B 35 -9.61 -14.87 28.78
N LEU B 36 -9.19 -15.04 30.03
CA LEU B 36 -9.08 -16.39 30.66
C LEU B 36 -10.48 -17.03 30.77
N ALA B 37 -11.50 -16.21 31.03
CA ALA B 37 -12.90 -16.64 31.16
C ALA B 37 -13.43 -17.10 29.78
N ALA B 38 -13.01 -16.41 28.72
CA ALA B 38 -13.48 -16.62 27.33
C ALA B 38 -12.75 -17.80 26.69
N VAL B 39 -11.52 -18.04 27.10
CA VAL B 39 -10.63 -19.10 26.56
C VAL B 39 -10.01 -19.88 27.73
N PRO B 40 -10.83 -20.64 28.48
CA PRO B 40 -10.35 -21.29 29.70
C PRO B 40 -9.24 -22.34 29.48
N ALA B 41 -9.10 -22.90 28.26
CA ALA B 41 -8.02 -23.87 27.96
C ALA B 41 -6.66 -23.26 28.28
N ILE B 42 -6.55 -21.94 28.12
CA ILE B 42 -5.26 -21.23 28.33
C ILE B 42 -4.73 -21.54 29.75
N ASN B 43 -5.58 -21.61 30.76
CA ASN B 43 -5.16 -21.79 32.18
C ASN B 43 -4.51 -23.16 32.36
N ASP B 44 -4.76 -24.13 31.48
CA ASP B 44 -4.14 -25.48 31.59
C ASP B 44 -2.71 -25.43 31.02
N LEU B 45 -2.39 -24.42 30.20
CA LEU B 45 -1.10 -24.36 29.45
C LEU B 45 -0.05 -23.51 30.16
N ALA B 46 -0.47 -22.50 30.91
CA ALA B 46 0.44 -21.47 31.44
C ALA B 46 -0.16 -20.88 32.72
N THR B 47 0.69 -20.38 33.59
CA THR B 47 0.34 -19.50 34.73
C THR B 47 0.36 -18.08 34.20
N ILE B 48 -0.82 -17.50 34.02
CA ILE B 48 -0.97 -16.20 33.31
C ILE B 48 -1.02 -15.07 34.34
N LYS B 49 -0.15 -14.08 34.14
CA LYS B 49 -0.23 -12.74 34.81
C LYS B 49 -0.66 -11.74 33.75
N GLY B 50 -1.43 -10.75 34.17
CA GLY B 50 -2.01 -9.75 33.28
C GLY B 50 -1.64 -8.34 33.70
N GLU B 51 -1.43 -7.46 32.72
CA GLU B 51 -1.28 -6.03 33.00
C GLU B 51 -1.98 -5.28 31.88
N GLN B 52 -2.52 -4.12 32.21
CA GLN B 52 -3.11 -3.21 31.19
C GLN B 52 -2.08 -2.10 30.92
N ILE B 53 -1.44 -2.13 29.76
CA ILE B 53 -0.37 -1.15 29.39
C ILE B 53 -1.01 0.12 28.81
N SER B 54 -2.02 -0.04 28.02
CA SER B 54 -2.78 1.09 27.43
C SER B 54 -4.20 0.58 27.23
N SER B 55 -5.14 1.48 26.93
N SER B 55 -5.11 1.49 26.85
CA SER B 55 -6.54 1.08 26.65
CA SER B 55 -6.56 1.22 26.72
C SER B 55 -7.07 1.85 25.45
C SER B 55 -7.08 1.89 25.45
N ILE B 56 -6.52 1.54 24.29
CA ILE B 56 -6.75 2.28 23.02
C ILE B 56 -6.97 1.33 21.84
N GLY B 57 -7.65 1.85 20.84
CA GLY B 57 -7.57 1.25 19.51
C GLY B 57 -6.17 1.40 18.96
N SER B 58 -5.74 0.47 18.11
CA SER B 58 -4.34 0.53 17.63
C SER B 58 -4.12 1.71 16.68
N GLN B 59 -5.18 2.28 16.08
CA GLN B 59 -5.04 3.50 15.23
C GLN B 59 -4.76 4.72 16.10
N GLU B 60 -4.90 4.61 17.43
CA GLU B 60 -4.67 5.71 18.41
C GLU B 60 -3.28 5.60 19.03
N MET B 61 -2.46 4.66 18.57
CA MET B 61 -1.13 4.41 19.17
C MET B 61 -0.25 5.62 18.92
N THR B 62 0.70 5.83 19.81
CA THR B 62 1.69 6.93 19.77
C THR B 62 3.04 6.34 20.21
N GLY B 63 4.12 7.03 19.85
CA GLY B 63 5.47 6.59 20.23
C GLY B 63 5.63 6.51 21.73
N LYS B 64 4.93 7.32 22.52
CA LYS B 64 4.98 7.21 23.99
C LYS B 64 4.55 5.79 24.42
N VAL B 65 3.43 5.29 23.92
CA VAL B 65 2.94 3.93 24.24
C VAL B 65 3.98 2.91 23.77
N TRP B 66 4.58 3.07 22.58
CA TRP B 66 5.62 2.10 22.13
C TRP B 66 6.75 2.04 23.16
N LEU B 67 7.20 3.20 23.60
CA LEU B 67 8.32 3.26 24.57
C LEU B 67 7.90 2.62 25.89
N LYS B 68 6.77 3.01 26.45
CA LYS B 68 6.25 2.42 27.70
C LYS B 68 6.21 0.90 27.59
N LEU B 69 5.64 0.38 26.50
CA LEU B 69 5.52 -1.07 26.25
C LEU B 69 6.91 -1.70 26.14
N ALA B 70 7.83 -1.18 25.35
CA ALA B 70 9.17 -1.80 25.15
C ALA B 70 9.88 -1.82 26.50
N LYS B 71 9.86 -0.72 27.22
CA LYS B 71 10.53 -0.69 28.54
C LYS B 71 9.93 -1.74 29.47
N ARG B 72 8.61 -1.88 29.48
CA ARG B 72 7.93 -2.82 30.39
C ARG B 72 8.27 -4.26 29.97
N VAL B 73 8.23 -4.55 28.66
CA VAL B 73 8.59 -5.90 28.16
C VAL B 73 10.03 -6.24 28.57
N ASN B 74 10.96 -5.29 28.50
CA ASN B 74 12.38 -5.54 28.86
C ASN B 74 12.48 -5.86 30.34
N GLU B 75 11.81 -5.07 31.18
CA GLU B 75 11.71 -5.33 32.63
C GLU B 75 11.21 -6.77 32.87
N LEU B 76 10.08 -7.13 32.25
CA LEU B 76 9.44 -8.44 32.52
C LEU B 76 10.36 -9.58 32.07
N LEU B 77 10.97 -9.46 30.90
CA LEU B 77 11.76 -10.60 30.36
C LEU B 77 13.08 -10.75 31.11
N ALA B 78 13.54 -9.72 31.80
CA ALA B 78 14.75 -9.76 32.64
C ALA B 78 14.48 -10.54 33.92
N GLN B 79 13.21 -10.78 34.27
CA GLN B 79 12.80 -11.57 35.47
C GLN B 79 13.00 -13.07 35.19
N LYS B 80 13.63 -13.80 36.11
CA LYS B 80 13.87 -15.26 35.96
C LYS B 80 12.52 -15.99 35.79
N GLU B 81 11.47 -15.55 36.49
CA GLU B 81 10.19 -16.30 36.54
C GLU B 81 9.44 -16.16 35.21
N THR B 82 9.65 -15.08 34.47
CA THR B 82 8.82 -14.77 33.26
C THR B 82 9.42 -15.51 32.07
N GLU B 83 8.65 -16.44 31.49
CA GLU B 83 9.13 -17.26 30.35
C GLU B 83 8.89 -16.48 29.04
N ALA B 84 7.82 -15.68 28.95
CA ALA B 84 7.39 -15.04 27.69
C ALA B 84 6.38 -13.94 27.96
N VAL B 85 6.20 -13.07 26.96
CA VAL B 85 5.16 -12.02 27.02
C VAL B 85 4.28 -12.16 25.78
N ILE B 86 2.98 -12.11 26.00
CA ILE B 86 1.98 -11.99 24.93
C ILE B 86 1.39 -10.58 25.03
N ILE B 87 1.26 -9.93 23.88
CA ILE B 87 0.65 -8.57 23.84
C ILE B 87 -0.62 -8.62 22.99
N THR B 88 -1.76 -8.32 23.61
CA THR B 88 -3.02 -8.24 22.83
C THR B 88 -3.09 -6.81 22.30
N HIS B 89 -3.43 -6.67 21.02
CA HIS B 89 -3.17 -5.42 20.25
C HIS B 89 -4.20 -5.34 19.12
N GLY B 90 -4.59 -4.13 18.77
CA GLY B 90 -5.42 -3.94 17.60
C GLY B 90 -4.67 -4.31 16.35
N THR B 91 -5.39 -4.73 15.33
CA THR B 91 -4.72 -5.24 14.12
C THR B 91 -4.18 -4.09 13.25
N ASP B 92 -4.77 -2.91 13.27
CA ASP B 92 -4.43 -1.85 12.29
C ASP B 92 -2.93 -1.54 12.31
N THR B 93 -2.33 -1.45 13.50
CA THR B 93 -0.92 -1.01 13.63
C THR B 93 -0.10 -2.05 14.38
N MET B 94 -0.62 -3.24 14.53
CA MET B 94 0.17 -4.33 15.16
C MET B 94 1.53 -4.46 14.48
N GLU B 95 1.61 -4.31 13.17
CA GLU B 95 2.88 -4.52 12.45
C GLU B 95 3.91 -3.49 12.94
N GLU B 96 3.49 -2.29 13.27
CA GLU B 96 4.45 -1.22 13.65
C GLU B 96 4.93 -1.51 15.08
N THR B 97 4.02 -1.79 16.00
CA THR B 97 4.43 -2.13 17.39
C THR B 97 5.38 -3.34 17.37
N ALA B 98 5.02 -4.40 16.64
CA ALA B 98 5.83 -5.65 16.56
C ALA B 98 7.23 -5.29 16.02
N PHE B 99 7.33 -4.47 14.99
CA PHE B 99 8.65 -4.16 14.40
C PHE B 99 9.47 -3.34 15.37
N PHE B 100 8.82 -2.37 16.03
CA PHE B 100 9.48 -1.52 17.04
C PHE B 100 10.06 -2.40 18.14
N LEU B 101 9.26 -3.32 18.65
CA LEU B 101 9.70 -4.24 19.70
C LEU B 101 10.81 -5.17 19.21
N ASN B 102 10.72 -5.58 17.96
CA ASN B 102 11.72 -6.49 17.37
C ASN B 102 13.09 -5.83 17.41
N LEU B 103 13.17 -4.51 17.47
CA LEU B 103 14.46 -3.79 17.42
C LEU B 103 14.85 -3.27 18.81
N THR B 104 13.99 -3.38 19.83
CA THR B 104 14.21 -2.72 21.12
C THR B 104 14.12 -3.69 22.29
N VAL B 105 13.64 -4.92 22.07
CA VAL B 105 13.57 -5.92 23.18
C VAL B 105 14.91 -6.65 23.31
N LYS B 106 15.56 -6.58 24.49
CA LYS B 106 16.92 -7.12 24.75
C LYS B 106 16.81 -8.48 25.42
N SER B 107 16.16 -9.42 24.74
CA SER B 107 15.89 -10.78 25.23
C SER B 107 15.67 -11.70 24.06
N GLN B 108 15.95 -12.97 24.28
N GLN B 108 15.98 -12.98 24.26
CA GLN B 108 15.60 -14.02 23.29
CA GLN B 108 15.64 -14.04 23.29
C GLN B 108 14.30 -14.71 23.69
C GLN B 108 14.34 -14.75 23.71
N LYS B 109 13.71 -14.35 24.83
CA LYS B 109 12.46 -14.98 25.28
C LYS B 109 11.37 -14.55 24.29
N PRO B 110 10.34 -15.40 24.06
CA PRO B 110 9.28 -15.10 23.12
C PRO B 110 8.46 -13.87 23.52
N VAL B 111 8.20 -13.08 22.48
CA VAL B 111 7.30 -11.91 22.54
C VAL B 111 6.31 -12.10 21.38
N VAL B 112 5.06 -12.30 21.74
CA VAL B 112 4.02 -12.66 20.76
C VAL B 112 2.96 -11.58 20.76
N LEU B 113 2.69 -10.98 19.60
CA LEU B 113 1.56 -10.05 19.43
C LEU B 113 0.40 -10.81 18.81
N VAL B 114 -0.78 -10.54 19.33
CA VAL B 114 -2.00 -11.25 18.83
C VAL B 114 -3.18 -10.29 18.90
N GLY B 115 -4.11 -10.51 17.98
CA GLY B 115 -5.34 -9.69 17.95
C GLY B 115 -6.45 -10.45 17.28
N ALA B 116 -7.46 -9.73 16.83
CA ALA B 116 -8.67 -10.31 16.26
C ALA B 116 -9.20 -9.36 15.19
N MET B 117 -9.50 -9.92 14.02
CA MET B 117 -10.10 -9.15 12.91
C MET B 117 -11.61 -8.99 13.10
N ARG B 118 -12.25 -9.82 13.93
CA ARG B 118 -13.70 -9.72 14.25
C ARG B 118 -13.84 -9.48 15.74
N PRO B 119 -14.78 -8.63 16.17
CA PRO B 119 -15.01 -8.40 17.60
C PRO B 119 -15.38 -9.70 18.31
N GLY B 120 -15.00 -9.79 19.58
CA GLY B 120 -15.26 -11.02 20.36
C GLY B 120 -16.74 -11.40 20.42
N SER B 121 -17.64 -10.43 20.29
CA SER B 121 -19.11 -10.61 20.29
C SER B 121 -19.64 -11.10 18.93
N SER B 122 -18.82 -11.11 17.89
CA SER B 122 -19.23 -11.51 16.54
C SER B 122 -19.52 -13.01 16.48
N MET B 123 -20.38 -13.39 15.55
CA MET B 123 -20.40 -14.77 14.98
C MET B 123 -18.97 -15.10 14.58
N SER B 124 -18.50 -16.31 14.88
CA SER B 124 -17.24 -16.82 14.29
C SER B 124 -16.07 -15.86 14.61
N ALA B 125 -16.02 -15.38 15.84
CA ALA B 125 -14.93 -14.50 16.34
C ALA B 125 -13.60 -15.25 16.24
N ASP B 126 -12.57 -14.56 15.76
CA ASP B 126 -11.25 -15.21 15.54
C ASP B 126 -10.37 -15.08 16.79
N GLY B 127 -10.70 -14.17 17.69
CA GLY B 127 -9.83 -13.91 18.86
C GLY B 127 -9.57 -15.14 19.73
N PRO B 128 -10.57 -15.98 20.09
CA PRO B 128 -10.31 -17.09 21.01
C PRO B 128 -9.24 -18.03 20.46
N MET B 129 -9.38 -18.48 19.21
CA MET B 129 -8.37 -19.40 18.60
C MET B 129 -7.04 -18.66 18.49
N ASN B 130 -7.04 -17.42 17.99
CA ASN B 130 -5.76 -16.66 17.91
C ASN B 130 -5.08 -16.62 19.27
N LEU B 131 -5.81 -16.26 20.31
CA LEU B 131 -5.21 -16.16 21.68
C LEU B 131 -4.74 -17.53 22.17
N TYR B 132 -5.53 -18.58 22.00
CA TYR B 132 -5.15 -19.94 22.40
C TYR B 132 -3.83 -20.33 21.69
N ASN B 133 -3.78 -20.03 20.40
CA ASN B 133 -2.58 -20.36 19.60
C ASN B 133 -1.38 -19.50 20.04
N ALA B 134 -1.60 -18.20 20.29
CA ALA B 134 -0.54 -17.28 20.75
C ALA B 134 0.09 -17.86 22.03
N VAL B 135 -0.71 -18.31 22.98
CA VAL B 135 -0.14 -18.86 24.25
C VAL B 135 0.74 -20.08 23.91
N ASN B 136 0.23 -20.98 23.10
CA ASN B 136 1.04 -22.16 22.71
C ASN B 136 2.34 -21.70 22.06
N VAL B 137 2.36 -20.65 21.26
CA VAL B 137 3.62 -20.19 20.61
C VAL B 137 4.53 -19.63 21.69
N ALA B 138 3.98 -18.86 22.63
CA ALA B 138 4.76 -18.19 23.70
C ALA B 138 5.56 -19.19 24.55
N ILE B 139 4.99 -20.37 24.78
CA ILE B 139 5.58 -21.38 25.71
C ILE B 139 6.40 -22.42 24.94
N ASN B 140 6.38 -22.39 23.61
CA ASN B 140 7.02 -23.44 22.81
C ASN B 140 8.54 -23.26 22.89
N LYS B 141 9.25 -24.36 23.04
CA LYS B 141 10.71 -24.25 23.14
C LYS B 141 11.35 -23.69 21.84
N ALA B 142 10.79 -23.92 20.66
CA ALA B 142 11.36 -23.46 19.38
C ALA B 142 11.14 -21.95 19.19
N SER B 143 10.34 -21.32 20.03
CA SER B 143 9.96 -19.89 19.87
C SER B 143 11.07 -18.95 20.35
N THR B 144 12.02 -19.47 21.12
CA THR B 144 13.14 -18.66 21.65
C THR B 144 14.02 -18.21 20.47
N ASN B 145 14.47 -16.96 20.55
CA ASN B 145 15.39 -16.28 19.62
C ASN B 145 14.82 -16.31 18.20
N LYS B 146 13.51 -16.23 18.06
CA LYS B 146 12.87 -16.05 16.73
C LYS B 146 12.61 -14.57 16.45
N GLY B 147 12.88 -13.69 17.40
CA GLY B 147 12.45 -12.29 17.35
C GLY B 147 11.00 -12.16 17.77
N VAL B 148 10.51 -10.95 17.73
CA VAL B 148 9.10 -10.67 18.03
C VAL B 148 8.30 -11.26 16.87
N VAL B 149 7.21 -11.91 17.20
CA VAL B 149 6.32 -12.55 16.19
C VAL B 149 4.87 -12.07 16.39
N ILE B 150 4.15 -12.08 15.28
CA ILE B 150 2.67 -11.94 15.24
C ILE B 150 2.07 -13.31 14.98
N VAL B 151 1.10 -13.68 15.79
CA VAL B 151 0.37 -14.96 15.64
C VAL B 151 -1.07 -14.60 15.31
N MET B 152 -1.48 -14.93 14.11
CA MET B 152 -2.85 -14.64 13.61
C MET B 152 -3.22 -15.78 12.66
N ASN B 153 -4.47 -16.20 12.71
CA ASN B 153 -4.99 -17.11 11.66
C ASN B 153 -4.10 -18.34 11.50
N ASP B 154 -3.60 -18.92 12.62
CA ASP B 154 -2.90 -20.24 12.60
C ASP B 154 -1.49 -20.07 12.00
N GLU B 155 -1.01 -18.82 11.92
CA GLU B 155 0.27 -18.49 11.25
C GLU B 155 1.14 -17.75 12.25
N ILE B 156 2.44 -17.96 12.13
CA ILE B 156 3.48 -17.22 12.90
C ILE B 156 4.28 -16.39 11.90
N HIS B 157 4.22 -15.07 12.07
CA HIS B 157 4.91 -14.11 11.18
C HIS B 157 6.04 -13.41 11.92
N ALA B 158 7.20 -13.34 11.28
CA ALA B 158 8.34 -12.54 11.80
C ALA B 158 7.95 -11.06 11.80
N ALA B 159 8.23 -10.33 12.87
CA ALA B 159 7.86 -8.90 12.98
C ALA B 159 8.46 -8.13 11.81
N ARG B 160 9.69 -8.41 11.38
CA ARG B 160 10.30 -7.64 10.26
C ARG B 160 9.41 -7.70 9.02
N GLU B 161 8.76 -8.85 8.80
CA GLU B 161 8.20 -9.17 7.48
C GLU B 161 6.69 -8.97 7.47
N ALA B 162 6.05 -8.97 8.63
CA ALA B 162 4.59 -9.00 8.74
C ALA B 162 3.98 -7.65 8.35
N THR B 163 2.77 -7.73 7.80
CA THR B 163 1.94 -6.53 7.55
C THR B 163 0.48 -6.95 7.48
N LYS B 164 -0.41 -6.03 7.83
CA LYS B 164 -1.83 -6.18 7.56
C LYS B 164 -2.07 -5.80 6.09
N LEU B 165 -2.52 -6.75 5.26
CA LEU B 165 -2.58 -6.64 3.79
C LEU B 165 -4.04 -6.46 3.31
N ASN B 166 -5.02 -6.62 4.20
CA ASN B 166 -6.46 -6.58 3.86
C ASN B 166 -7.23 -5.85 4.97
N THR B 167 -8.29 -5.15 4.60
CA THR B 167 -9.04 -4.31 5.55
C THR B 167 -9.83 -5.14 6.55
N THR B 168 -10.33 -6.30 6.15
CA THR B 168 -11.40 -6.99 6.92
C THR B 168 -11.17 -8.48 7.18
N ALA B 169 -10.36 -9.13 6.37
CA ALA B 169 -10.34 -10.61 6.35
C ALA B 169 -9.69 -11.16 7.62
N VAL B 170 -10.10 -12.33 8.06
CA VAL B 170 -9.45 -12.95 9.24
C VAL B 170 -8.01 -13.31 8.89
N ASN B 171 -7.76 -13.52 7.60
CA ASN B 171 -6.43 -13.86 7.03
C ASN B 171 -5.71 -12.60 6.53
N ALA B 172 -6.03 -11.43 7.08
CA ALA B 172 -5.44 -10.15 6.65
C ALA B 172 -3.92 -10.08 6.79
N PHE B 173 -3.35 -10.78 7.76
CA PHE B 173 -1.88 -10.66 7.98
C PHE B 173 -1.16 -11.53 6.97
N ALA B 174 -0.06 -10.98 6.51
CA ALA B 174 0.80 -11.63 5.52
C ALA B 174 2.23 -11.20 5.75
N SER B 175 3.17 -11.91 5.11
CA SER B 175 4.58 -11.51 5.06
C SER B 175 4.94 -11.48 3.57
N PRO B 176 4.59 -10.40 2.82
CA PRO B 176 4.59 -10.47 1.35
C PRO B 176 5.96 -10.71 0.72
N ASN B 177 7.04 -10.41 1.43
CA ASN B 177 8.40 -10.54 0.85
C ASN B 177 9.03 -11.89 1.21
N THR B 178 8.52 -12.55 2.23
CA THR B 178 8.96 -13.88 2.66
C THR B 178 7.65 -14.67 2.66
N GLY B 179 7.10 -14.83 3.79
CA GLY B 179 5.95 -15.69 4.08
C GLY B 179 6.07 -15.94 5.56
N LYS B 180 5.08 -16.57 6.14
CA LYS B 180 5.11 -16.95 7.55
C LYS B 180 6.36 -17.79 7.85
N ILE B 181 6.86 -17.65 9.08
CA ILE B 181 8.03 -18.48 9.50
C ILE B 181 7.53 -19.78 10.11
N GLY B 182 6.25 -19.86 10.49
CA GLY B 182 5.76 -21.11 11.09
C GLY B 182 4.26 -21.11 11.16
N THR B 183 3.75 -22.16 11.76
CA THR B 183 2.31 -22.43 11.89
C THR B 183 1.98 -22.82 13.31
N VAL B 184 0.75 -22.57 13.66
CA VAL B 184 0.19 -23.08 14.93
C VAL B 184 -1.26 -23.45 14.71
N TYR B 185 -1.57 -24.72 14.84
CA TYR B 185 -2.88 -25.31 14.46
C TYR B 185 -3.40 -26.11 15.64
N TYR B 186 -4.44 -25.56 16.26
CA TYR B 186 -5.03 -26.10 17.50
C TYR B 186 -3.87 -26.27 18.50
N GLY B 187 -2.96 -25.29 18.54
CA GLY B 187 -1.92 -25.21 19.58
C GLY B 187 -0.65 -25.97 19.20
N LYS B 188 -0.64 -26.68 18.08
CA LYS B 188 0.57 -27.41 17.61
C LYS B 188 1.44 -26.42 16.85
N VAL B 189 2.63 -26.16 17.38
CA VAL B 189 3.58 -25.12 16.89
C VAL B 189 4.68 -25.77 16.05
N GLU B 190 4.89 -25.24 14.87
CA GLU B 190 5.91 -25.73 13.93
C GLU B 190 6.56 -24.53 13.30
N TYR B 191 7.89 -24.47 13.37
CA TYR B 191 8.68 -23.45 12.65
C TYR B 191 9.31 -24.09 11.44
N PHE B 192 9.31 -23.32 10.35
CA PHE B 192 9.96 -23.77 9.08
C PHE B 192 11.13 -22.89 8.71
N THR B 193 11.10 -21.63 9.09
CA THR B 193 12.17 -20.66 8.76
C THR B 193 12.37 -19.76 9.98
N GLN B 194 13.47 -19.02 9.93
CA GLN B 194 13.72 -17.91 10.84
C GLN B 194 14.35 -16.77 10.08
N SER B 195 14.14 -15.57 10.58
CA SER B 195 14.77 -14.35 10.01
C SER B 195 16.28 -14.48 10.14
N VAL B 196 17.03 -14.05 9.12
CA VAL B 196 18.50 -13.87 9.22
C VAL B 196 18.85 -12.39 9.38
N ARG B 197 17.85 -11.50 9.51
CA ARG B 197 18.14 -10.06 9.73
C ARG B 197 18.19 -9.90 11.24
N PRO B 198 19.14 -9.12 11.77
CA PRO B 198 19.28 -9.02 13.22
C PRO B 198 18.02 -8.46 13.88
N HIS B 199 17.77 -8.97 15.06
CA HIS B 199 16.62 -8.60 15.90
C HIS B 199 16.98 -8.77 17.37
N THR B 200 16.15 -8.18 18.20
CA THR B 200 16.11 -8.30 19.67
C THR B 200 17.53 -8.12 20.25
N LEU B 201 18.12 -9.16 20.82
CA LEU B 201 19.45 -9.06 21.48
C LEU B 201 20.54 -8.53 20.54
N ALA B 202 20.48 -8.84 19.24
CA ALA B 202 21.51 -8.50 18.22
C ALA B 202 21.29 -7.08 17.70
N SER B 203 20.16 -6.47 18.05
CA SER B 203 19.85 -5.12 17.58
C SER B 203 20.73 -4.10 18.30
N GLU B 204 21.22 -3.10 17.55
CA GLU B 204 22.07 -2.05 18.16
C GLU B 204 21.21 -1.03 18.92
N PHE B 205 19.88 -1.09 18.79
CA PHE B 205 19.00 -0.02 19.32
C PHE B 205 18.66 -0.34 20.77
N ASP B 206 18.72 0.72 21.57
CA ASP B 206 18.45 0.75 23.02
C ASP B 206 17.53 1.94 23.22
N ILE B 207 16.31 1.73 23.71
CA ILE B 207 15.42 2.90 23.99
C ILE B 207 15.34 3.13 25.51
N SER B 208 16.18 2.48 26.30
CA SER B 208 16.10 2.60 27.77
C SER B 208 16.32 4.08 28.15
N LYS B 209 17.04 4.84 27.32
CA LYS B 209 17.36 6.26 27.61
C LYS B 209 16.59 7.21 26.67
N ILE B 210 15.49 6.77 26.07
CA ILE B 210 14.70 7.59 25.13
C ILE B 210 13.31 7.87 25.71
N GLU B 211 12.95 9.15 25.74
CA GLU B 211 11.65 9.62 26.26
C GLU B 211 10.66 9.90 25.12
N GLU B 212 11.17 10.35 23.98
CA GLU B 212 10.33 10.76 22.82
C GLU B 212 11.05 10.35 21.56
N LEU B 213 10.31 9.79 20.62
CA LEU B 213 10.92 9.39 19.35
C LEU B 213 10.95 10.59 18.42
N PRO B 214 11.96 10.67 17.54
CA PRO B 214 12.04 11.69 16.51
C PRO B 214 10.79 11.65 15.60
N ARG B 215 10.39 12.82 15.14
CA ARG B 215 9.25 12.93 14.22
C ARG B 215 9.66 12.45 12.83
N VAL B 216 8.86 11.56 12.26
CA VAL B 216 9.05 11.03 10.89
C VAL B 216 7.68 10.99 10.23
N ASP B 217 7.58 11.77 9.19
CA ASP B 217 6.31 11.82 8.40
C ASP B 217 6.36 10.82 7.26
N ILE B 218 5.18 10.44 6.74
CA ILE B 218 5.03 9.57 5.56
C ILE B 218 4.24 10.34 4.52
N LEU B 219 4.76 10.35 3.30
CA LEU B 219 4.10 10.97 2.14
C LEU B 219 3.71 9.91 1.10
N TYR B 220 2.55 10.13 0.51
CA TYR B 220 1.94 9.20 -0.46
C TYR B 220 2.12 9.78 -1.86
N ALA B 221 2.91 9.13 -2.70
CA ALA B 221 3.23 9.67 -4.03
C ALA B 221 2.14 9.32 -5.04
N HIS B 222 1.97 10.21 -6.03
CA HIS B 222 0.97 10.04 -7.12
C HIS B 222 1.30 10.96 -8.27
N PRO B 223 0.71 10.72 -9.45
CA PRO B 223 0.80 11.67 -10.54
C PRO B 223 0.33 13.09 -10.10
N ASP B 224 0.93 14.11 -10.70
CA ASP B 224 0.56 15.52 -10.45
C ASP B 224 0.70 15.81 -8.95
N ASP B 225 1.77 15.30 -8.41
CA ASP B 225 2.08 15.45 -6.97
C ASP B 225 2.54 16.88 -6.66
N THR B 226 2.86 17.08 -5.39
CA THR B 226 2.98 18.44 -4.83
C THR B 226 4.26 18.55 -4.00
N ASP B 227 4.64 19.80 -3.71
CA ASP B 227 5.69 20.15 -2.72
C ASP B 227 5.10 20.52 -1.36
N VAL B 228 3.78 20.75 -1.25
CA VAL B 228 3.27 21.47 -0.04
C VAL B 228 3.26 20.51 1.15
N LEU B 229 3.27 19.21 0.94
CA LEU B 229 3.23 18.28 2.08
C LEU B 229 4.64 18.06 2.64
N VAL B 230 5.63 17.95 1.76
CA VAL B 230 7.04 18.02 2.20
C VAL B 230 7.22 19.30 3.02
N ASN B 231 6.78 20.45 2.50
CA ASN B 231 7.05 21.75 3.15
C ASN B 231 6.40 21.75 4.54
N ALA B 232 5.18 21.20 4.65
CA ALA B 232 4.43 21.20 5.91
C ALA B 232 5.13 20.27 6.91
N ALA B 233 5.66 19.14 6.46
CA ALA B 233 6.40 18.22 7.34
C ALA B 233 7.67 18.94 7.84
N LEU B 234 8.39 19.65 6.98
CA LEU B 234 9.60 20.39 7.41
C LEU B 234 9.20 21.42 8.47
N GLN B 235 8.16 22.21 8.20
CA GLN B 235 7.73 23.32 9.07
C GLN B 235 7.33 22.75 10.47
N ALA B 236 6.80 21.53 10.50
CA ALA B 236 6.32 20.87 11.73
C ALA B 236 7.48 20.17 12.43
N GLY B 237 8.70 20.26 11.90
CA GLY B 237 9.92 19.80 12.59
C GLY B 237 10.14 18.31 12.38
N ALA B 238 9.72 17.77 11.24
CA ALA B 238 10.11 16.40 10.83
C ALA B 238 11.64 16.30 10.84
N LYS B 239 12.16 15.24 11.44
CA LYS B 239 13.59 14.89 11.38
C LYS B 239 13.84 13.85 10.29
N GLY B 240 12.78 13.17 9.87
CA GLY B 240 12.84 12.25 8.74
C GLY B 240 11.55 12.28 7.98
N ILE B 241 11.61 11.86 6.73
CA ILE B 241 10.42 11.70 5.86
C ILE B 241 10.59 10.37 5.14
N ILE B 242 9.55 9.56 5.20
CA ILE B 242 9.42 8.36 4.36
C ILE B 242 8.58 8.79 3.15
N HIS B 243 9.14 8.64 1.96
CA HIS B 243 8.38 8.89 0.74
C HIS B 243 7.89 7.55 0.22
N ALA B 244 6.58 7.33 0.21
CA ALA B 244 5.98 6.12 -0.39
C ALA B 244 5.81 6.37 -1.89
N GLY B 245 6.88 6.07 -2.60
CA GLY B 245 7.04 6.43 -4.01
C GLY B 245 6.22 5.57 -4.93
N MET B 246 6.12 6.04 -6.15
CA MET B 246 5.46 5.27 -7.24
C MET B 246 6.43 4.18 -7.68
N GLY B 247 5.94 2.96 -7.88
CA GLY B 247 6.81 1.87 -8.34
C GLY B 247 8.02 1.72 -7.44
N ASN B 248 9.20 1.62 -8.03
CA ASN B 248 10.44 1.42 -7.29
C ASN B 248 10.88 2.77 -6.71
N GLY B 249 10.10 3.33 -5.79
CA GLY B 249 10.52 4.48 -4.97
C GLY B 249 10.64 5.77 -5.78
N ASN B 250 9.84 5.96 -6.82
CA ASN B 250 10.00 7.14 -7.70
C ASN B 250 9.08 8.26 -7.22
N PRO B 251 9.64 9.48 -7.11
CA PRO B 251 8.85 10.67 -6.85
C PRO B 251 8.44 11.38 -8.15
N PHE B 252 7.37 12.16 -8.04
CA PHE B 252 7.01 13.17 -9.05
C PHE B 252 8.03 14.30 -9.00
N PRO B 253 8.37 14.96 -10.12
CA PRO B 253 9.47 15.94 -10.12
C PRO B 253 9.36 17.04 -9.06
N LEU B 254 8.22 17.70 -8.96
CA LEU B 254 8.05 18.82 -8.01
C LEU B 254 8.30 18.32 -6.59
N THR B 255 7.82 17.14 -6.28
CA THR B 255 8.03 16.52 -4.94
C THR B 255 9.52 16.24 -4.75
N GLN B 256 10.21 15.70 -5.76
CA GLN B 256 11.64 15.37 -5.62
C GLN B 256 12.40 16.65 -5.27
N ASN B 257 12.10 17.77 -5.93
CA ASN B 257 12.80 19.04 -5.61
C ASN B 257 12.57 19.40 -4.15
N ALA B 258 11.37 19.19 -3.62
CA ALA B 258 11.05 19.58 -2.23
C ALA B 258 11.83 18.64 -1.29
N LEU B 259 11.88 17.36 -1.62
CA LEU B 259 12.66 16.36 -0.84
C LEU B 259 14.14 16.72 -0.83
N GLU B 260 14.71 17.15 -1.96
CA GLU B 260 16.14 17.58 -2.01
C GLU B 260 16.33 18.76 -1.03
N LYS B 261 15.40 19.70 -1.01
CA LYS B 261 15.38 20.85 -0.07
C LYS B 261 15.37 20.32 1.37
N ALA B 262 14.53 19.33 1.65
CA ALA B 262 14.43 18.74 3.00
C ALA B 262 15.80 18.16 3.38
N ALA B 263 16.37 17.39 2.47
CA ALA B 263 17.68 16.75 2.69
C ALA B 263 18.77 17.80 2.95
N LYS B 264 18.72 18.95 2.29
CA LYS B 264 19.71 20.06 2.44
C LYS B 264 19.57 20.66 3.83
N SER B 265 18.35 20.64 4.38
CA SER B 265 18.05 21.22 5.71
C SER B 265 18.46 20.23 6.81
N GLY B 266 18.87 19.02 6.46
CA GLY B 266 19.31 18.01 7.45
C GLY B 266 18.25 17.01 7.85
N VAL B 267 17.11 17.04 7.19
CA VAL B 267 16.03 16.03 7.35
C VAL B 267 16.43 14.83 6.51
N VAL B 268 16.33 13.66 7.10
CA VAL B 268 16.70 12.42 6.39
C VAL B 268 15.49 11.95 5.58
N VAL B 269 15.69 11.87 4.29
CA VAL B 269 14.62 11.44 3.35
C VAL B 269 14.91 9.98 3.01
N ALA B 270 13.93 9.12 3.23
CA ALA B 270 14.07 7.69 2.99
C ALA B 270 13.02 7.28 1.97
N ARG B 271 13.49 6.67 0.88
CA ARG B 271 12.61 6.28 -0.21
C ARG B 271 12.07 4.90 0.09
N SER B 272 10.74 4.79 0.11
CA SER B 272 10.01 3.49 0.13
C SER B 272 9.05 3.53 -1.05
N SER B 273 8.02 2.70 -0.97
CA SER B 273 7.11 2.50 -2.09
C SER B 273 5.69 2.34 -1.58
N ARG B 274 4.76 2.85 -2.39
CA ARG B 274 3.32 2.67 -2.19
C ARG B 274 2.85 1.27 -2.66
N VAL B 275 3.68 0.47 -3.31
CA VAL B 275 3.16 -0.70 -4.07
C VAL B 275 2.71 -1.86 -3.19
N GLY B 276 3.40 -2.14 -2.08
CA GLY B 276 2.98 -3.17 -1.13
C GLY B 276 4.04 -4.23 -0.89
N SER B 277 4.94 -4.46 -1.82
CA SER B 277 5.96 -5.52 -1.67
C SER B 277 7.18 -5.22 -2.55
N GLY B 278 8.26 -5.92 -2.27
CA GLY B 278 9.52 -5.74 -3.00
C GLY B 278 10.43 -4.74 -2.33
N SER B 279 11.64 -4.68 -2.85
CA SER B 279 12.67 -3.76 -2.35
C SER B 279 12.59 -2.41 -3.06
N THR B 280 12.63 -1.33 -2.30
CA THR B 280 12.89 0.01 -2.88
C THR B 280 14.40 0.10 -2.96
N THR B 281 14.92 -0.18 -4.14
CA THR B 281 16.37 -0.47 -4.31
C THR B 281 17.21 0.80 -4.26
N GLN B 282 18.45 0.65 -3.79
CA GLN B 282 19.43 1.76 -3.84
C GLN B 282 19.64 2.16 -5.28
N GLU B 283 19.69 3.47 -5.50
CA GLU B 283 19.91 4.02 -6.84
C GLU B 283 20.85 5.18 -6.70
N ALA B 284 22.07 5.00 -7.19
CA ALA B 284 23.16 5.94 -6.85
C ALA B 284 22.78 7.37 -7.23
N GLU B 285 22.18 7.59 -8.40
CA GLU B 285 22.00 8.96 -8.93
C GLU B 285 21.07 9.75 -7.99
N VAL B 286 20.22 9.07 -7.21
CA VAL B 286 19.29 9.66 -6.18
C VAL B 286 19.94 9.44 -4.81
CA ASP B 288 20.80 8.21 -3.23
C ASP B 288 22.20 8.62 -2.78
N LYS B 289 23.14 8.62 -3.71
CA LYS B 289 24.57 8.76 -3.36
C LYS B 289 25.08 10.13 -3.86
N LYS B 290 24.19 11.10 -4.14
CA LYS B 290 24.59 12.51 -4.39
C LYS B 290 24.65 13.30 -3.09
N GLY B 292 21.94 13.47 -0.51
CA GLY B 292 21.32 12.20 -0.94
C GLY B 292 20.27 11.63 0.01
N PHE B 293 19.48 10.70 -0.52
CA PHE B 293 18.40 9.99 0.16
C PHE B 293 18.88 8.59 0.56
N VAL B 294 18.10 8.00 1.45
CA VAL B 294 18.27 6.61 1.93
C VAL B 294 17.28 5.72 1.19
N ALA B 295 17.72 4.57 0.75
CA ALA B 295 16.88 3.52 0.14
C ALA B 295 16.43 2.58 1.24
N THR B 296 15.13 2.40 1.43
CA THR B 296 14.60 1.59 2.53
C THR B 296 14.64 0.09 2.20
N GLU B 297 14.92 -0.28 0.95
CA GLU B 297 15.05 -1.71 0.54
C GLU B 297 13.76 -2.45 0.94
N SER B 298 13.80 -3.67 1.47
CA SER B 298 12.62 -4.56 1.53
C SER B 298 11.86 -4.34 2.84
N LEU B 299 11.20 -3.23 2.96
CA LEU B 299 10.29 -2.88 4.07
C LEU B 299 8.98 -2.36 3.45
N ASN B 300 8.23 -1.62 4.19
CA ASN B 300 7.09 -0.87 3.64
C ASN B 300 7.15 0.48 4.31
N PRO B 301 6.35 1.47 3.89
CA PRO B 301 6.55 2.81 4.45
C PRO B 301 6.40 2.89 5.96
N GLN B 302 5.41 2.19 6.53
CA GLN B 302 5.14 2.39 7.96
C GLN B 302 6.21 1.67 8.79
N LYS B 303 6.76 0.55 8.31
CA LYS B 303 7.86 -0.12 9.02
C LYS B 303 9.15 0.67 8.80
N ALA B 304 9.38 1.22 7.62
CA ALA B 304 10.56 2.06 7.36
C ALA B 304 10.52 3.27 8.30
N ARG B 305 9.33 3.82 8.55
CA ARG B 305 9.17 4.96 9.48
C ARG B 305 9.69 4.52 10.85
N VAL B 306 9.29 3.34 11.32
CA VAL B 306 9.75 2.85 12.64
C VAL B 306 11.29 2.79 12.65
N LEU B 307 11.86 2.18 11.63
CA LEU B 307 13.34 2.01 11.63
C LEU B 307 14.04 3.36 11.54
N LEU B 308 13.50 4.30 10.76
CA LEU B 308 14.11 5.64 10.65
C LEU B 308 13.99 6.40 11.99
N MET B 309 12.87 6.29 12.70
CA MET B 309 12.72 6.91 14.02
C MET B 309 13.81 6.35 14.95
N LEU B 310 14.03 5.03 14.94
CA LEU B 310 15.08 4.45 15.83
C LEU B 310 16.47 4.93 15.37
N ALA B 311 16.74 4.90 14.08
CA ALA B 311 18.04 5.37 13.54
C ALA B 311 18.27 6.81 14.04
N LEU B 312 17.29 7.68 13.92
CA LEU B 312 17.49 9.12 14.26
C LEU B 312 17.70 9.33 15.75
N THR B 313 17.44 8.34 16.61
CA THR B 313 17.79 8.48 18.05
C THR B 313 19.30 8.49 18.21
N LYS B 314 20.08 8.05 17.22
CA LYS B 314 21.53 7.93 17.45
C LYS B 314 22.35 8.58 16.33
N THR B 315 21.74 8.89 15.17
CA THR B 315 22.50 9.53 14.06
C THR B 315 21.55 10.25 13.11
N SER B 316 22.02 11.31 12.42
CA SER B 316 21.31 11.87 11.25
C SER B 316 22.18 11.75 9.99
N ASP B 317 23.27 10.96 10.08
CA ASP B 317 24.23 10.74 8.98
C ASP B 317 23.62 9.77 7.95
N ARG B 318 23.47 10.21 6.71
CA ARG B 318 22.80 9.43 5.63
C ARG B 318 23.49 8.06 5.52
N GLU B 319 24.83 8.02 5.46
CA GLU B 319 25.59 6.77 5.21
C GLU B 319 25.31 5.80 6.37
N ALA B 320 25.34 6.28 7.62
CA ALA B 320 25.08 5.42 8.80
C ALA B 320 23.64 4.89 8.75
N ILE B 321 22.72 5.71 8.30
CA ILE B 321 21.28 5.31 8.28
C ILE B 321 21.07 4.35 7.11
N GLN B 322 21.77 4.55 5.99
CA GLN B 322 21.70 3.58 4.88
C GLN B 322 22.23 2.22 5.37
N LYS B 323 23.33 2.20 6.10
CA LYS B 323 23.85 0.92 6.63
C LYS B 323 22.80 0.23 7.51
N ILE B 324 22.08 1.01 8.32
CA ILE B 324 21.00 0.46 9.17
C ILE B 324 19.93 -0.16 8.26
N PHE B 325 19.50 0.54 7.23
CA PHE B 325 18.44 -0.02 6.38
C PHE B 325 18.92 -1.25 5.62
N SER B 326 20.23 -1.29 5.31
CA SER B 326 20.82 -2.40 4.55
C SER B 326 21.13 -3.60 5.46
N THR B 327 20.94 -3.45 6.79
CA THR B 327 21.28 -4.46 7.81
C THR B 327 20.01 -5.06 8.43
N TYR B 328 19.08 -4.22 8.85
CA TYR B 328 17.94 -4.65 9.70
C TYR B 328 16.76 -5.10 8.84
#